data_6S1B
#
_entry.id   6S1B
#
_cell.length_a   101.310
_cell.length_b   70.410
_cell.length_c   68.700
_cell.angle_alpha   90.000
_cell.angle_beta   118.040
_cell.angle_gamma   90.000
#
_symmetry.space_group_name_H-M   'C 1 2 1'
#
loop_
_entity.id
_entity.type
_entity.pdbx_description
1 polymer 'Dual specificity tyrosine-phosphorylation-regulated kinase 1A'
2 non-polymer 'SULFATE ION'
3 non-polymer ~{N}-methyl-4-pyrazolo[1,5-b]pyridazin-3-yl-pyrimidin-2-amine
4 non-polymer 1,2-ETHANEDIOL
5 water water
#
_entity_poly.entity_id   1
_entity_poly.type   'polypeptide(L)'
_entity_poly.pdbx_seq_one_letter_code
;SMSSHKKERKVYNDGYDDDNYDYIVKNGEKWMDRYEIDSLIGKGSFGQVVKAYDRVEQEWVAIKIIKNKKAFLNQAQIEV
RLLELMNKHDTEMKYYIVHLKRHFMFRNHLCLVFEMLSYNLYDLLRNTNFRGVSLNLTRKFAQQMCTALLFLATPELSII
HCDLKPENILLCNPKRSAIKIVDFGSSCQLGQRIYQ(PTR)IQSRFYRSPEVLLGMPYDLAIDMWSLGCILVEMHTGEPL
FSGANEVDQMNKIVEVLGIPPAHILDQAPKARKFFEKLPDGTWNLKKTKDGKREYKPPGTRKLHNILGVETGGPGGRRAG
ESGHTVADYLKFKDLILRMLDYDPKTRIQPYYALQHSFFKKTADE
;
_entity_poly.pdbx_strand_id   A
#
loop_
_chem_comp.id
_chem_comp.type
_chem_comp.name
_chem_comp.formula
EDO non-polymer 1,2-ETHANEDIOL 'C2 H6 O2'
KRQ non-polymer ~{N}-methyl-4-pyrazolo[1,5-b]pyridazin-3-yl-pyrimidin-2-amine 'C11 H10 N6'
SO4 non-polymer 'SULFATE ION' 'O4 S -2'
#
# COMPACT_ATOMS: atom_id res chain seq x y z
N VAL A 11 34.22 -14.99 -2.85
CA VAL A 11 34.15 -13.87 -1.91
C VAL A 11 33.45 -12.63 -2.48
N TYR A 12 32.54 -12.04 -1.69
CA TYR A 12 31.77 -10.85 -2.06
C TYR A 12 31.99 -9.76 -1.00
N ASN A 13 32.37 -8.55 -1.44
CA ASN A 13 32.54 -7.40 -0.52
C ASN A 13 33.48 -7.75 0.63
N ASP A 14 34.63 -8.34 0.28
CA ASP A 14 35.66 -8.69 1.26
C ASP A 14 35.14 -9.67 2.32
N GLY A 15 34.16 -10.49 1.96
CA GLY A 15 33.57 -11.46 2.85
C GLY A 15 32.36 -10.99 3.62
N TYR A 16 31.96 -9.71 3.49
CA TYR A 16 30.82 -9.15 4.23
C TYR A 16 29.46 -9.43 3.58
N ASP A 17 29.42 -9.76 2.28
CA ASP A 17 28.16 -9.91 1.54
C ASP A 17 27.98 -11.37 1.06
N ASP A 18 26.72 -11.74 0.79
CA ASP A 18 26.40 -13.00 0.13
C ASP A 18 26.22 -12.78 -1.39
N ASP A 19 25.87 -13.85 -2.12
CA ASP A 19 25.75 -13.78 -3.57
C ASP A 19 24.45 -13.12 -4.03
N ASN A 20 23.61 -12.65 -3.09
CA ASN A 20 22.37 -11.93 -3.38
C ASN A 20 22.51 -10.41 -3.16
N TYR A 21 23.74 -9.92 -2.93
CA TYR A 21 24.07 -8.51 -2.66
C TYR A 21 23.70 -8.07 -1.24
N ASP A 22 23.28 -9.01 -0.37
CA ASP A 22 22.89 -8.69 1.00
C ASP A 22 24.07 -8.75 1.97
N TYR A 23 24.03 -7.91 3.01
CA TYR A 23 24.99 -7.98 4.11
C TYR A 23 24.74 -9.25 4.95
N ILE A 24 25.77 -10.03 5.25
CA ILE A 24 25.61 -11.23 6.10
C ILE A 24 25.47 -10.79 7.56
N VAL A 25 24.24 -10.87 8.10
CA VAL A 25 24.01 -10.47 9.49
C VAL A 25 24.81 -11.33 10.47
N LYS A 26 25.43 -10.68 11.46
CA LYS A 26 26.11 -11.35 12.57
C LYS A 26 25.47 -10.86 13.87
N ASN A 27 24.94 -11.81 14.66
CA ASN A 27 24.28 -11.47 15.91
C ASN A 27 25.28 -10.87 16.91
N GLY A 28 24.93 -9.71 17.47
CA GLY A 28 25.76 -9.06 18.46
C GLY A 28 26.87 -8.18 17.92
N GLU A 29 26.96 -7.98 16.61
CA GLU A 29 28.02 -7.15 16.03
C GLU A 29 27.83 -5.68 16.43
N LYS A 30 28.94 -4.97 16.62
CA LYS A 30 28.91 -3.54 16.94
C LYS A 30 29.32 -2.72 15.72
N TRP A 31 28.53 -1.67 15.39
CA TRP A 31 28.81 -0.79 14.26
C TRP A 31 29.05 0.63 14.76
N MET A 32 30.16 1.25 14.31
CA MET A 32 30.37 2.71 14.43
C MET A 32 30.36 3.17 15.89
N ASP A 33 30.83 2.34 16.81
N ASP A 33 30.75 2.28 16.79
CA ASP A 33 30.81 2.67 18.24
CA ASP A 33 30.81 2.62 18.19
C ASP A 33 29.42 3.18 18.67
C ASP A 33 29.45 3.11 18.69
N ARG A 34 28.36 2.58 18.12
CA ARG A 34 27.00 3.08 18.37
C ARG A 34 25.91 2.01 18.39
N TYR A 35 25.82 1.17 17.35
CA TYR A 35 24.71 0.23 17.22
C TYR A 35 25.16 -1.20 17.54
N GLU A 36 24.38 -1.92 18.37
CA GLU A 36 24.60 -3.36 18.59
C GLU A 36 23.49 -4.10 17.83
N ILE A 37 23.85 -4.82 16.77
CA ILE A 37 22.88 -5.57 15.97
C ILE A 37 22.38 -6.78 16.76
N ASP A 38 21.06 -6.93 16.84
CA ASP A 38 20.47 -8.05 17.55
C ASP A 38 20.09 -9.20 16.62
N SER A 39 19.14 -8.98 15.69
CA SER A 39 18.56 -10.07 14.90
C SER A 39 17.85 -9.51 13.68
N LEU A 40 17.67 -10.36 12.66
CA LEU A 40 16.88 -10.04 11.48
C LEU A 40 15.38 -10.09 11.83
N ILE A 41 14.62 -9.06 11.42
CA ILE A 41 13.17 -8.97 11.67
C ILE A 41 12.35 -8.81 10.39
N GLY A 42 12.98 -8.66 9.22
CA GLY A 42 12.24 -8.56 7.97
C GLY A 42 13.18 -8.57 6.79
N LYS A 43 12.62 -8.87 5.62
CA LYS A 43 13.43 -8.91 4.39
C LYS A 43 12.55 -8.67 3.18
N GLY A 44 13.17 -8.28 2.08
CA GLY A 44 12.46 -8.03 0.83
C GLY A 44 13.43 -7.76 -0.31
N SER A 45 12.91 -7.32 -1.46
N SER A 45 12.87 -7.29 -1.43
CA SER A 45 13.77 -7.15 -2.62
CA SER A 45 13.65 -7.06 -2.65
C SER A 45 14.83 -6.07 -2.40
C SER A 45 14.79 -6.07 -2.40
N PHE A 46 14.56 -5.08 -1.54
CA PHE A 46 15.50 -4.00 -1.25
C PHE A 46 16.72 -4.46 -0.46
N GLY A 47 16.64 -5.58 0.26
CA GLY A 47 17.62 -5.91 1.31
C GLY A 47 16.98 -6.51 2.55
N GLN A 48 17.37 -6.02 3.73
CA GLN A 48 17.05 -6.64 5.02
C GLN A 48 16.66 -5.57 6.04
N VAL A 49 15.91 -5.94 7.07
CA VAL A 49 15.62 -5.07 8.23
C VAL A 49 16.07 -5.81 9.50
N VAL A 50 16.95 -5.18 10.29
CA VAL A 50 17.42 -5.73 11.56
C VAL A 50 16.91 -4.89 12.74
N LYS A 51 16.67 -5.56 13.87
CA LYS A 51 16.52 -4.91 15.18
C LYS A 51 17.92 -4.66 15.75
N ALA A 52 18.18 -3.43 16.24
CA ALA A 52 19.49 -3.02 16.77
C ALA A 52 19.29 -2.07 17.95
N TYR A 53 20.21 -2.08 18.92
CA TYR A 53 20.16 -1.12 20.02
C TYR A 53 21.05 0.07 19.70
N ASP A 54 20.45 1.27 19.72
CA ASP A 54 21.18 2.55 19.55
C ASP A 54 21.64 2.97 20.94
N ARG A 55 22.94 2.77 21.20
CA ARG A 55 23.54 3.06 22.50
C ARG A 55 23.62 4.56 22.80
N VAL A 56 23.60 5.40 21.77
CA VAL A 56 23.70 6.85 21.98
C VAL A 56 22.36 7.42 22.45
N GLU A 57 21.26 7.03 21.79
CA GLU A 57 19.91 7.47 22.14
C GLU A 57 19.22 6.53 23.14
N GLN A 58 19.84 5.40 23.48
CA GLN A 58 19.32 4.46 24.48
C GLN A 58 17.91 3.97 24.12
N GLU A 59 17.81 3.37 22.92
CA GLU A 59 16.52 2.87 22.43
C GLU A 59 16.75 1.84 21.33
N TRP A 60 15.80 0.91 21.20
CA TRP A 60 15.76 -0.01 20.06
C TRP A 60 15.34 0.73 18.80
N VAL A 61 15.97 0.36 17.67
CA VAL A 61 15.66 0.89 16.35
C VAL A 61 15.60 -0.27 15.36
N ALA A 62 14.97 -0.02 14.22
CA ALA A 62 15.03 -0.89 13.04
C ALA A 62 15.96 -0.26 12.01
N ILE A 63 16.91 -1.02 11.51
CA ILE A 63 17.83 -0.56 10.46
C ILE A 63 17.52 -1.33 9.16
N LYS A 64 17.12 -0.61 8.12
CA LYS A 64 16.91 -1.14 6.77
C LYS A 64 18.25 -1.09 6.04
N ILE A 65 18.82 -2.27 5.77
CA ILE A 65 20.15 -2.43 5.15
C ILE A 65 19.93 -2.69 3.66
N ILE A 66 20.19 -1.68 2.82
CA ILE A 66 19.97 -1.79 1.38
C ILE A 66 21.06 -2.66 0.75
N LYS A 67 20.69 -3.46 -0.27
CA LYS A 67 21.65 -4.25 -1.04
C LYS A 67 22.79 -3.40 -1.61
N ASN A 68 23.98 -4.00 -1.67
CA ASN A 68 25.18 -3.37 -2.23
C ASN A 68 25.21 -3.62 -3.74
N LYS A 69 24.39 -2.82 -4.45
CA LYS A 69 24.21 -2.91 -5.90
C LYS A 69 23.58 -1.61 -6.37
N LYS A 70 24.12 -1.02 -7.45
CA LYS A 70 23.79 0.38 -7.80
C LYS A 70 22.29 0.62 -7.99
N ALA A 71 21.57 -0.28 -8.66
CA ALA A 71 20.15 -0.04 -8.87
C ALA A 71 19.38 0.03 -7.55
N PHE A 72 19.75 -0.81 -6.57
CA PHE A 72 19.07 -0.80 -5.27
C PHE A 72 19.48 0.42 -4.44
N LEU A 73 20.76 0.78 -4.47
CA LEU A 73 21.23 2.01 -3.85
C LEU A 73 20.46 3.23 -4.33
N ASN A 74 20.31 3.38 -5.65
CA ASN A 74 19.70 4.59 -6.19
C ASN A 74 18.20 4.65 -5.88
N GLN A 75 17.53 3.49 -5.88
CA GLN A 75 16.15 3.41 -5.43
C GLN A 75 16.00 3.93 -4.00
N ALA A 76 16.91 3.52 -3.12
CA ALA A 76 16.88 3.96 -1.72
C ALA A 76 17.27 5.42 -1.54
N GLN A 77 18.12 5.98 -2.42
CA GLN A 77 18.41 7.42 -2.36
C GLN A 77 17.17 8.27 -2.65
N ILE A 78 16.34 7.85 -3.61
CA ILE A 78 15.05 8.49 -3.85
C ILE A 78 14.18 8.41 -2.58
N GLU A 79 14.11 7.21 -1.99
CA GLU A 79 13.33 7.01 -0.76
C GLU A 79 13.80 7.95 0.36
N VAL A 80 15.12 8.08 0.57
CA VAL A 80 15.63 8.96 1.62
C VAL A 80 15.18 10.40 1.38
N ARG A 81 15.25 10.88 0.12
CA ARG A 81 14.86 12.26 -0.14
C ARG A 81 13.38 12.50 0.19
N LEU A 82 12.51 11.56 -0.21
CA LEU A 82 11.07 11.71 0.05
C LEU A 82 10.75 11.63 1.55
N LEU A 83 11.40 10.71 2.28
CA LEU A 83 11.19 10.63 3.73
C LEU A 83 11.66 11.90 4.45
N GLU A 84 12.81 12.46 4.03
CA GLU A 84 13.30 13.70 4.64
C GLU A 84 12.31 14.85 4.39
N LEU A 85 11.76 14.94 3.17
CA LEU A 85 10.77 15.96 2.86
C LEU A 85 9.51 15.81 3.73
N MET A 86 9.00 14.59 3.87
CA MET A 86 7.79 14.33 4.67
C MET A 86 8.01 14.55 6.17
N ASN A 87 8.95 13.81 6.77
N ASN A 87 8.96 13.82 6.77
CA ASN A 87 9.13 13.89 8.22
CA ASN A 87 9.13 13.91 8.22
C ASN A 87 9.31 15.34 8.64
C ASN A 87 9.30 15.36 8.63
N LYS A 88 9.92 16.15 7.76
CA LYS A 88 10.12 17.56 7.99
C LYS A 88 8.80 18.36 8.15
N HIS A 89 7.76 18.02 7.39
CA HIS A 89 6.45 18.70 7.45
C HIS A 89 5.47 18.02 8.39
N ASP A 90 5.93 17.11 9.25
CA ASP A 90 5.10 16.40 10.23
C ASP A 90 5.98 16.05 11.43
N THR A 91 6.51 17.07 12.11
CA THR A 91 7.42 16.82 13.21
C THR A 91 6.73 16.19 14.43
N GLU A 92 5.41 16.31 14.54
CA GLU A 92 4.67 15.69 15.63
C GLU A 92 4.27 14.24 15.32
N MET A 93 4.51 13.76 14.10
CA MET A 93 4.27 12.37 13.73
C MET A 93 2.80 11.97 13.92
N LYS A 94 1.89 12.73 13.30
CA LYS A 94 0.44 12.56 13.43
C LYS A 94 -0.26 12.16 12.13
N TYR A 95 0.49 11.90 11.06
CA TYR A 95 -0.06 11.60 9.75
C TYR A 95 0.25 10.21 9.22
N TYR A 96 0.72 9.28 10.08
CA TYR A 96 0.69 7.84 9.78
C TYR A 96 1.74 7.42 8.73
N ILE A 97 2.85 8.17 8.59
CA ILE A 97 4.01 7.84 7.75
C ILE A 97 5.17 7.45 8.66
N VAL A 98 5.87 6.36 8.31
CA VAL A 98 7.03 5.93 9.11
C VAL A 98 8.07 7.07 9.23
N HIS A 99 8.69 7.15 10.42
CA HIS A 99 9.68 8.17 10.74
C HIS A 99 11.13 7.69 10.54
N LEU A 100 11.80 8.33 9.58
CA LEU A 100 13.24 8.12 9.32
C LEU A 100 14.03 9.00 10.29
N LYS A 101 14.82 8.35 11.15
CA LYS A 101 15.62 9.07 12.14
C LYS A 101 16.93 9.64 11.54
N ARG A 102 17.65 8.84 10.75
CA ARG A 102 18.92 9.21 10.13
C ARG A 102 19.32 8.11 9.15
N HIS A 103 20.38 8.34 8.39
CA HIS A 103 20.93 7.35 7.46
C HIS A 103 22.45 7.44 7.44
N PHE A 104 23.10 6.39 6.94
CA PHE A 104 24.57 6.36 6.82
C PHE A 104 24.97 5.26 5.85
N MET A 105 26.22 5.33 5.35
CA MET A 105 26.84 4.26 4.55
C MET A 105 27.71 3.43 5.48
N PHE A 106 27.57 2.10 5.44
CA PHE A 106 28.39 1.20 6.25
C PHE A 106 28.79 -0.02 5.43
N ARG A 107 30.09 -0.24 5.28
CA ARG A 107 30.59 -1.42 4.57
C ARG A 107 29.94 -1.59 3.20
N ASN A 108 29.77 -0.46 2.51
CA ASN A 108 29.23 -0.43 1.15
C ASN A 108 27.72 -0.70 1.08
N HIS A 109 26.99 -0.54 2.19
CA HIS A 109 25.53 -0.60 2.20
C HIS A 109 24.94 0.72 2.73
N LEU A 110 23.99 1.30 1.99
CA LEU A 110 23.20 2.40 2.54
C LEU A 110 22.23 1.86 3.60
N CYS A 111 22.22 2.49 4.78
CA CYS A 111 21.44 2.06 5.94
C CYS A 111 20.51 3.18 6.41
N LEU A 112 19.22 2.85 6.56
CA LEU A 112 18.17 3.79 6.99
C LEU A 112 17.69 3.37 8.38
N VAL A 113 17.75 4.30 9.34
CA VAL A 113 17.36 4.02 10.74
C VAL A 113 15.97 4.56 11.01
N PHE A 114 15.08 3.67 11.50
CA PHE A 114 13.69 3.98 11.77
C PHE A 114 13.32 3.64 13.19
N GLU A 115 12.19 4.22 13.62
CA GLU A 115 11.50 3.70 14.78
C GLU A 115 11.14 2.22 14.54
N MET A 116 11.15 1.45 15.59
CA MET A 116 10.74 0.04 15.44
C MET A 116 9.21 -0.12 15.37
N LEU A 117 8.76 -0.94 14.43
CA LEU A 117 7.34 -1.27 14.22
C LEU A 117 7.15 -2.79 14.31
N SER A 118 5.88 -3.21 14.35
CA SER A 118 5.43 -4.61 14.46
C SER A 118 5.12 -5.19 13.06
N TYR A 119 4.31 -6.24 13.00
N TYR A 119 4.16 -6.15 13.04
CA TYR A 119 4.14 -6.94 11.73
CA TYR A 119 3.76 -6.95 11.87
C TYR A 119 3.14 -6.19 10.82
C TYR A 119 3.14 -6.08 10.78
N ASN A 120 3.11 -6.60 9.55
CA ASN A 120 2.36 -5.93 8.47
C ASN A 120 0.92 -6.48 8.34
N LEU A 121 0.10 -5.79 7.53
CA LEU A 121 -1.33 -6.11 7.45
C LEU A 121 -1.58 -7.43 6.72
N TYR A 122 -0.66 -7.89 5.87
CA TYR A 122 -0.76 -9.27 5.35
C TYR A 122 -0.54 -10.31 6.45
N ASP A 123 0.47 -10.10 7.30
CA ASP A 123 0.66 -10.94 8.48
C ASP A 123 -0.58 -10.96 9.35
N LEU A 124 -1.26 -9.81 9.53
CA LEU A 124 -2.50 -9.78 10.29
C LEU A 124 -3.59 -10.62 9.62
N LEU A 125 -3.73 -10.52 8.29
CA LEU A 125 -4.71 -11.37 7.60
C LEU A 125 -4.40 -12.87 7.78
N ARG A 126 -3.12 -13.26 7.69
CA ARG A 126 -2.76 -14.66 7.96
C ARG A 126 -3.19 -15.08 9.38
N ASN A 127 -3.06 -14.16 10.34
CA ASN A 127 -3.42 -14.42 11.73
C ASN A 127 -4.93 -14.61 11.92
N THR A 128 -5.76 -14.07 11.01
CA THR A 128 -7.21 -14.35 10.98
C THR A 128 -7.55 -15.63 10.21
N ASN A 129 -6.54 -16.42 9.79
CA ASN A 129 -6.78 -17.60 8.95
C ASN A 129 -7.44 -17.18 7.62
N PHE A 130 -7.09 -15.99 7.15
CA PHE A 130 -7.61 -15.41 5.90
C PHE A 130 -9.14 -15.30 5.89
N ARG A 131 -9.73 -15.04 7.06
CA ARG A 131 -11.18 -14.79 7.17
C ARG A 131 -11.55 -13.32 7.38
N GLY A 132 -10.56 -12.45 7.60
CA GLY A 132 -10.80 -11.02 7.67
C GLY A 132 -10.88 -10.50 9.10
N VAL A 133 -10.58 -9.20 9.22
CA VAL A 133 -10.77 -8.47 10.47
C VAL A 133 -12.17 -7.86 10.48
N SER A 134 -12.63 -7.44 11.66
CA SER A 134 -13.98 -6.92 11.84
C SER A 134 -14.18 -5.61 11.06
N LEU A 135 -15.44 -5.25 10.85
CA LEU A 135 -15.73 -3.96 10.22
C LEU A 135 -15.26 -2.80 11.07
N ASN A 136 -15.30 -2.94 12.40
CA ASN A 136 -14.81 -1.87 13.28
C ASN A 136 -13.30 -1.63 13.12
N LEU A 137 -12.50 -2.70 13.03
CA LEU A 137 -11.05 -2.55 12.81
C LEU A 137 -10.74 -2.07 11.39
N THR A 138 -11.50 -2.54 10.40
CA THR A 138 -11.36 -2.03 9.03
C THR A 138 -11.56 -0.52 9.01
N ARG A 139 -12.57 -0.01 9.73
CA ARG A 139 -12.83 1.42 9.80
C ARG A 139 -11.66 2.19 10.40
N LYS A 140 -11.05 1.67 11.47
CA LYS A 140 -9.91 2.34 12.08
C LYS A 140 -8.74 2.42 11.10
N PHE A 141 -8.44 1.32 10.39
CA PHE A 141 -7.36 1.34 9.39
C PHE A 141 -7.68 2.33 8.26
N ALA A 142 -8.95 2.37 7.83
CA ALA A 142 -9.37 3.26 6.76
C ALA A 142 -9.21 4.73 7.13
N GLN A 143 -9.54 5.09 8.36
CA GLN A 143 -9.46 6.49 8.78
C GLN A 143 -8.01 6.96 8.80
N GLN A 144 -7.10 6.11 9.30
CA GLN A 144 -5.68 6.44 9.31
C GLN A 144 -5.10 6.53 7.90
N MET A 145 -5.45 5.58 7.03
CA MET A 145 -4.94 5.62 5.66
C MET A 145 -5.42 6.86 4.90
N CYS A 146 -6.69 7.24 5.06
CA CYS A 146 -7.18 8.44 4.38
C CYS A 146 -6.47 9.70 4.90
N THR A 147 -6.17 9.76 6.21
CA THR A 147 -5.41 10.87 6.79
C THR A 147 -3.99 10.93 6.20
N ALA A 148 -3.33 9.80 6.04
CA ALA A 148 -2.02 9.77 5.37
C ALA A 148 -2.12 10.27 3.92
N LEU A 149 -3.13 9.82 3.16
CA LEU A 149 -3.27 10.29 1.77
C LEU A 149 -3.55 11.78 1.70
N LEU A 150 -4.28 12.33 2.68
CA LEU A 150 -4.48 13.79 2.73
C LEU A 150 -3.14 14.51 2.89
N PHE A 151 -2.27 14.00 3.77
CA PHE A 151 -0.93 14.60 3.97
C PHE A 151 -0.08 14.52 2.68
N LEU A 152 -0.05 13.35 2.03
CA LEU A 152 0.74 13.22 0.79
C LEU A 152 0.27 14.17 -0.32
N ALA A 153 -1.01 14.55 -0.29
CA ALA A 153 -1.59 15.46 -1.29
C ALA A 153 -1.33 16.95 -1.00
N THR A 154 -0.76 17.29 0.16
CA THR A 154 -0.43 18.70 0.41
C THR A 154 0.56 19.19 -0.65
N PRO A 155 0.42 20.44 -1.15
CA PRO A 155 1.15 20.80 -2.39
C PRO A 155 2.66 20.74 -2.28
N GLU A 156 3.25 21.06 -1.13
CA GLU A 156 4.71 20.96 -1.00
C GLU A 156 5.23 19.52 -1.09
N LEU A 157 4.37 18.51 -0.89
N LEU A 157 4.37 18.53 -0.94
CA LEU A 157 4.69 17.08 -1.04
CA LEU A 157 4.75 17.13 -1.14
C LEU A 157 4.29 16.53 -2.42
C LEU A 157 4.28 16.62 -2.50
N SER A 158 2.97 16.47 -2.68
CA SER A 158 2.42 15.93 -3.92
C SER A 158 3.01 14.57 -4.26
N ILE A 159 3.06 13.69 -3.25
CA ILE A 159 3.71 12.38 -3.39
C ILE A 159 2.67 11.31 -3.73
N ILE A 160 2.97 10.51 -4.77
CA ILE A 160 2.22 9.29 -5.12
C ILE A 160 3.03 8.11 -4.61
N HIS A 161 2.45 7.31 -3.70
CA HIS A 161 3.19 6.19 -3.12
C HIS A 161 3.52 5.15 -4.17
N CYS A 162 2.52 4.80 -5.00
CA CYS A 162 2.66 3.92 -6.16
C CYS A 162 2.79 2.43 -5.86
N ASP A 163 2.82 1.99 -4.60
CA ASP A 163 2.90 0.55 -4.30
C ASP A 163 2.15 0.21 -3.01
N LEU A 164 0.96 0.78 -2.82
CA LEU A 164 0.17 0.46 -1.63
C LEU A 164 -0.36 -0.96 -1.76
N LYS A 165 -0.27 -1.71 -0.66
CA LYS A 165 -0.74 -3.10 -0.54
C LYS A 165 -0.62 -3.48 0.95
N PRO A 166 -1.27 -4.58 1.39
CA PRO A 166 -1.23 -4.89 2.84
C PRO A 166 0.19 -5.00 3.42
N GLU A 167 1.13 -5.57 2.66
CA GLU A 167 2.50 -5.76 3.15
C GLU A 167 3.22 -4.45 3.43
N ASN A 168 2.79 -3.31 2.84
CA ASN A 168 3.46 -2.02 3.03
C ASN A 168 2.77 -1.13 4.08
N ILE A 169 1.90 -1.71 4.91
CA ILE A 169 1.25 -1.03 6.04
C ILE A 169 1.60 -1.85 7.29
N LEU A 170 2.28 -1.23 8.27
CA LEU A 170 2.71 -1.93 9.48
C LEU A 170 1.96 -1.46 10.72
N LEU A 171 1.66 -2.39 11.62
CA LEU A 171 1.20 -2.05 12.96
C LEU A 171 2.32 -1.44 13.79
N CYS A 172 1.99 -0.45 14.62
CA CYS A 172 2.95 0.08 15.59
C CYS A 172 3.20 -0.92 16.71
N ASN A 173 2.16 -1.63 17.12
N ASN A 173 2.15 -1.61 17.15
CA ASN A 173 2.14 -2.54 18.27
CA ASN A 173 2.22 -2.55 18.24
C ASN A 173 1.26 -3.73 17.93
C ASN A 173 1.27 -3.71 17.99
N PRO A 174 1.66 -4.94 18.34
CA PRO A 174 0.82 -6.10 18.05
C PRO A 174 -0.57 -6.02 18.67
N LYS A 175 -0.73 -5.33 19.79
CA LYS A 175 -2.00 -5.36 20.51
C LYS A 175 -3.00 -4.29 20.05
N ARG A 176 -2.63 -3.40 19.12
CA ARG A 176 -3.36 -2.15 18.94
C ARG A 176 -3.56 -1.86 17.46
N SER A 177 -4.43 -0.89 17.15
CA SER A 177 -4.85 -0.59 15.78
C SER A 177 -4.01 0.48 15.06
N ALA A 178 -3.08 1.16 15.74
CA ALA A 178 -2.29 2.22 15.09
C ALA A 178 -1.40 1.62 14.00
N ILE A 179 -1.30 2.33 12.85
CA ILE A 179 -0.48 1.90 11.70
C ILE A 179 0.42 3.02 11.17
N LYS A 180 1.45 2.61 10.39
CA LYS A 180 2.29 3.51 9.60
C LYS A 180 2.50 2.89 8.21
N ILE A 181 2.54 3.76 7.16
CA ILE A 181 2.89 3.36 5.80
C ILE A 181 4.41 3.35 5.65
N VAL A 182 4.93 2.32 4.95
CA VAL A 182 6.35 2.17 4.63
C VAL A 182 6.56 2.01 3.12
N ASP A 183 7.85 2.09 2.73
CA ASP A 183 8.39 1.71 1.42
C ASP A 183 8.06 2.72 0.32
N PHE A 184 8.87 3.77 0.23
CA PHE A 184 8.72 4.84 -0.77
C PHE A 184 9.74 4.71 -1.92
N GLY A 185 10.30 3.51 -2.09
CA GLY A 185 11.32 3.29 -3.13
C GLY A 185 10.80 3.43 -4.56
N SER A 186 9.51 3.12 -4.79
N SER A 186 9.51 3.10 -4.80
CA SER A 186 8.91 3.24 -6.11
CA SER A 186 8.89 3.20 -6.10
C SER A 186 8.03 4.47 -6.26
C SER A 186 8.01 4.46 -6.25
N SER A 187 8.08 5.40 -5.31
CA SER A 187 7.22 6.58 -5.31
C SER A 187 7.70 7.67 -6.28
N CYS A 188 6.82 8.66 -6.53
CA CYS A 188 7.18 9.80 -7.37
C CYS A 188 6.38 11.02 -6.93
N GLN A 189 6.66 12.18 -7.54
CA GLN A 189 5.95 13.42 -7.26
C GLN A 189 5.20 13.88 -8.49
N LEU A 190 4.04 14.51 -8.25
CA LEU A 190 3.21 15.03 -9.33
C LEU A 190 4.02 15.96 -10.22
N GLY A 191 3.75 15.87 -11.52
CA GLY A 191 4.45 16.66 -12.52
C GLY A 191 4.86 15.81 -13.71
N GLN A 192 6.16 15.79 -14.01
CA GLN A 192 6.65 15.00 -15.13
C GLN A 192 6.25 13.55 -14.97
N ARG A 193 5.70 12.98 -16.03
CA ARG A 193 5.42 11.55 -16.10
C ARG A 193 6.72 10.80 -16.35
N ILE A 194 7.14 9.97 -15.39
CA ILE A 194 8.36 9.18 -15.51
C ILE A 194 8.06 7.71 -15.64
N TYR A 195 7.45 7.11 -14.62
CA TYR A 195 7.15 5.67 -14.67
C TYR A 195 5.84 5.45 -15.41
N GLN A 196 5.86 4.67 -16.48
CA GLN A 196 4.60 4.21 -17.06
C GLN A 196 4.18 2.84 -16.56
N PTR A 197 5.13 2.03 -16.07
CA PTR A 197 4.85 0.70 -15.52
C PTR A 197 4.94 0.87 -13.98
O PTR A 197 6.03 1.13 -13.47
CB PTR A 197 5.85 -0.35 -16.07
CG PTR A 197 5.87 -0.46 -17.58
CD1 PTR A 197 6.93 0.04 -18.33
CD2 PTR A 197 4.83 -1.09 -18.28
CE1 PTR A 197 6.96 -0.06 -19.72
CE2 PTR A 197 4.85 -1.19 -19.68
CZ PTR A 197 5.92 -0.68 -20.38
OH PTR A 197 6.00 -0.79 -21.69
P PTR A 197 5.09 0.01 -22.74
O1P PTR A 197 3.67 -0.56 -22.63
O2P PTR A 197 5.61 -0.17 -24.18
O3P PTR A 197 5.12 1.46 -22.37
HA PTR A 197 3.95 0.42 -15.76
HB2 PTR A 197 5.60 -1.22 -15.71
HB3 PTR A 197 6.73 -0.11 -15.78
HD1 PTR A 197 7.64 0.45 -17.88
HD2 PTR A 197 4.10 -1.43 -17.81
HE1 PTR A 197 7.69 0.27 -20.19
HE2 PTR A 197 4.15 -1.61 -20.13
N ILE A 198 3.80 0.75 -13.29
CA ILE A 198 3.72 1.02 -11.85
C ILE A 198 2.55 0.27 -11.21
N GLN A 199 2.68 0.10 -9.88
CA GLN A 199 1.67 -0.49 -8.97
C GLN A 199 1.72 -2.02 -9.01
N SER A 200 1.63 -2.69 -7.86
N SER A 200 1.54 -2.64 -7.85
CA SER A 200 1.52 -4.13 -7.90
CA SER A 200 1.39 -4.09 -7.74
C SER A 200 0.17 -4.51 -8.49
C SER A 200 0.10 -4.54 -8.43
N ARG A 201 0.16 -5.63 -9.21
CA ARG A 201 -0.92 -5.92 -10.16
C ARG A 201 -2.32 -5.93 -9.51
N PHE A 202 -2.50 -6.60 -8.36
CA PHE A 202 -3.84 -6.72 -7.77
C PHE A 202 -4.42 -5.35 -7.40
N TYR A 203 -3.55 -4.36 -7.15
CA TYR A 203 -3.90 -3.05 -6.65
C TYR A 203 -3.77 -1.96 -7.71
N ARG A 204 -3.56 -2.35 -8.99
CA ARG A 204 -3.26 -1.41 -10.06
C ARG A 204 -4.52 -0.75 -10.63
N SER A 205 -4.48 0.59 -10.79
CA SER A 205 -5.65 1.36 -11.22
C SER A 205 -5.96 1.17 -12.70
N PRO A 206 -7.22 1.42 -13.11
CA PRO A 206 -7.55 1.32 -14.55
C PRO A 206 -6.76 2.26 -15.42
N GLU A 207 -6.48 3.50 -14.98
CA GLU A 207 -5.76 4.43 -15.83
C GLU A 207 -4.36 3.92 -16.15
N VAL A 208 -3.72 3.23 -15.20
CA VAL A 208 -2.39 2.65 -15.46
C VAL A 208 -2.51 1.45 -16.41
N LEU A 209 -3.49 0.56 -16.17
CA LEU A 209 -3.73 -0.56 -17.09
C LEU A 209 -3.97 -0.09 -18.52
N LEU A 210 -4.65 1.04 -18.70
CA LEU A 210 -5.04 1.58 -19.99
C LEU A 210 -3.96 2.49 -20.63
N GLY A 211 -2.82 2.73 -19.94
CA GLY A 211 -1.77 3.57 -20.49
C GLY A 211 -2.08 5.05 -20.52
N MET A 212 -2.96 5.52 -19.63
CA MET A 212 -3.42 6.90 -19.61
C MET A 212 -2.66 7.74 -18.60
N PRO A 213 -2.81 9.08 -18.65
CA PRO A 213 -2.19 9.92 -17.61
C PRO A 213 -2.70 9.57 -16.22
N TYR A 214 -1.85 9.77 -15.21
CA TYR A 214 -2.25 9.43 -13.83
C TYR A 214 -1.77 10.50 -12.84
N ASP A 215 -2.35 10.42 -11.64
CA ASP A 215 -2.08 11.38 -10.55
C ASP A 215 -2.27 10.69 -9.19
N LEU A 216 -2.43 11.46 -8.11
CA LEU A 216 -2.54 10.86 -6.77
C LEU A 216 -3.75 9.96 -6.62
N ALA A 217 -4.75 10.05 -7.52
CA ALA A 217 -5.92 9.19 -7.41
C ALA A 217 -5.60 7.70 -7.55
N ILE A 218 -4.46 7.32 -8.14
CA ILE A 218 -4.12 5.90 -8.25
C ILE A 218 -4.00 5.25 -6.87
N ASP A 219 -3.55 6.01 -5.85
CA ASP A 219 -3.39 5.49 -4.49
C ASP A 219 -4.76 5.25 -3.83
N MET A 220 -5.79 6.07 -4.17
CA MET A 220 -7.12 5.87 -3.63
C MET A 220 -7.77 4.60 -4.19
N TRP A 221 -7.55 4.32 -5.48
CA TRP A 221 -7.94 3.01 -6.06
C TRP A 221 -7.35 1.86 -5.25
N SER A 222 -6.03 1.88 -5.03
CA SER A 222 -5.40 0.81 -4.26
C SER A 222 -6.05 0.67 -2.88
N LEU A 223 -6.30 1.81 -2.22
CA LEU A 223 -6.90 1.76 -0.87
C LEU A 223 -8.26 1.08 -0.89
N GLY A 224 -9.11 1.38 -1.88
CA GLY A 224 -10.40 0.70 -1.93
C GLY A 224 -10.24 -0.82 -2.01
N CYS A 225 -9.30 -1.28 -2.84
CA CYS A 225 -9.02 -2.72 -2.97
C CYS A 225 -8.53 -3.30 -1.64
N ILE A 226 -7.62 -2.59 -0.95
CA ILE A 226 -7.04 -3.06 0.30
C ILE A 226 -8.12 -3.22 1.37
N LEU A 227 -9.03 -2.23 1.48
CA LEU A 227 -10.04 -2.26 2.55
C LEU A 227 -11.04 -3.41 2.39
N VAL A 228 -11.45 -3.71 1.17
CA VAL A 228 -12.29 -4.89 0.94
C VAL A 228 -11.56 -6.16 1.38
N GLU A 229 -10.29 -6.31 0.98
CA GLU A 229 -9.50 -7.49 1.35
C GLU A 229 -9.31 -7.59 2.86
N MET A 230 -9.11 -6.47 3.56
CA MET A 230 -8.94 -6.56 5.02
C MET A 230 -10.18 -7.16 5.69
N HIS A 231 -11.38 -6.89 5.16
CA HIS A 231 -12.60 -7.42 5.78
C HIS A 231 -12.98 -8.82 5.28
N THR A 232 -12.69 -9.16 4.01
CA THR A 232 -13.05 -10.50 3.52
C THR A 232 -11.94 -11.54 3.72
N GLY A 233 -10.68 -11.11 3.84
CA GLY A 233 -9.55 -12.01 3.92
C GLY A 233 -8.84 -12.32 2.62
N GLU A 234 -9.39 -11.93 1.47
CA GLU A 234 -8.83 -12.30 0.18
C GLU A 234 -8.81 -11.12 -0.79
N PRO A 235 -7.87 -11.10 -1.75
CA PRO A 235 -7.84 -9.98 -2.70
C PRO A 235 -9.13 -9.83 -3.50
N LEU A 236 -9.53 -8.56 -3.71
CA LEU A 236 -10.74 -8.27 -4.48
C LEU A 236 -10.58 -8.67 -5.96
N PHE A 237 -9.45 -8.27 -6.57
CA PHE A 237 -9.15 -8.48 -8.01
C PHE A 237 -7.79 -9.20 -8.12
N SER A 238 -7.79 -10.54 -8.16
CA SER A 238 -6.53 -11.31 -8.14
C SER A 238 -6.13 -11.78 -9.55
N GLY A 239 -5.76 -10.84 -10.41
CA GLY A 239 -5.38 -11.20 -11.79
C GLY A 239 -4.01 -11.85 -11.90
N ALA A 240 -3.91 -12.81 -12.83
CA ALA A 240 -2.65 -13.50 -13.10
C ALA A 240 -1.78 -12.76 -14.12
N ASN A 241 -2.36 -11.83 -14.85
CA ASN A 241 -1.70 -11.01 -15.87
C ASN A 241 -2.61 -9.81 -16.12
N GLU A 242 -2.16 -8.86 -16.94
CA GLU A 242 -2.94 -7.63 -17.12
C GLU A 242 -4.32 -7.87 -17.73
N VAL A 243 -4.43 -8.77 -18.72
CA VAL A 243 -5.75 -9.04 -19.33
C VAL A 243 -6.70 -9.66 -18.29
N ASP A 244 -6.23 -10.64 -17.51
CA ASP A 244 -7.04 -11.23 -16.45
C ASP A 244 -7.42 -10.19 -15.38
N GLN A 245 -6.49 -9.28 -15.05
CA GLN A 245 -6.76 -8.22 -14.08
C GLN A 245 -7.91 -7.31 -14.54
N MET A 246 -7.83 -6.81 -15.78
CA MET A 246 -8.92 -5.97 -16.31
C MET A 246 -10.23 -6.73 -16.33
N ASN A 247 -10.22 -8.00 -16.75
CA ASN A 247 -11.46 -8.77 -16.79
C ASN A 247 -12.06 -8.97 -15.39
N LYS A 248 -11.23 -9.17 -14.36
CA LYS A 248 -11.75 -9.30 -12.99
C LYS A 248 -12.36 -7.98 -12.49
N ILE A 249 -11.76 -6.84 -12.85
CA ILE A 249 -12.34 -5.54 -12.51
C ILE A 249 -13.71 -5.38 -13.16
N VAL A 250 -13.82 -5.72 -14.47
CA VAL A 250 -15.06 -5.56 -15.23
C VAL A 250 -16.18 -6.45 -14.67
N GLU A 251 -15.86 -7.66 -14.18
CA GLU A 251 -16.88 -8.52 -13.58
C GLU A 251 -17.65 -7.78 -12.49
N VAL A 252 -16.95 -6.98 -11.70
CA VAL A 252 -17.55 -6.27 -10.55
C VAL A 252 -18.12 -4.93 -10.97
N LEU A 253 -17.43 -4.18 -11.82
CA LEU A 253 -17.73 -2.76 -12.04
C LEU A 253 -18.32 -2.44 -13.42
N GLY A 254 -18.40 -3.41 -14.33
CA GLY A 254 -18.94 -3.17 -15.66
C GLY A 254 -17.90 -2.65 -16.64
N ILE A 255 -18.33 -2.42 -17.87
CA ILE A 255 -17.44 -1.86 -18.90
C ILE A 255 -17.12 -0.42 -18.54
N PRO A 256 -15.87 0.05 -18.67
CA PRO A 256 -15.56 1.46 -18.34
C PRO A 256 -16.30 2.41 -19.26
N PRO A 257 -16.49 3.66 -18.86
CA PRO A 257 -17.21 4.62 -19.71
C PRO A 257 -16.53 4.85 -21.07
N ALA A 258 -17.36 5.11 -22.08
CA ALA A 258 -16.84 5.31 -23.44
C ALA A 258 -15.91 6.51 -23.53
N HIS A 259 -16.17 7.58 -22.77
CA HIS A 259 -15.31 8.75 -22.88
C HIS A 259 -13.90 8.46 -22.40
N ILE A 260 -13.73 7.47 -21.52
CA ILE A 260 -12.40 7.04 -21.10
C ILE A 260 -11.76 6.15 -22.17
N LEU A 261 -12.47 5.12 -22.62
CA LEU A 261 -11.89 4.20 -23.58
C LEU A 261 -11.55 4.87 -24.91
N ASP A 262 -12.36 5.84 -25.34
CA ASP A 262 -12.06 6.58 -26.56
C ASP A 262 -10.72 7.31 -26.50
N GLN A 263 -10.18 7.56 -25.31
CA GLN A 263 -8.90 8.26 -25.14
C GLN A 263 -7.78 7.37 -24.61
N ALA A 264 -7.99 6.05 -24.54
CA ALA A 264 -7.04 5.16 -23.87
C ALA A 264 -6.10 4.52 -24.88
N PRO A 265 -4.76 4.74 -24.79
CA PRO A 265 -3.84 4.08 -25.74
C PRO A 265 -3.92 2.56 -25.79
N LYS A 266 -4.25 1.89 -24.67
CA LYS A 266 -4.30 0.44 -24.62
C LYS A 266 -5.72 -0.12 -24.57
N ALA A 267 -6.72 0.65 -24.99
CA ALA A 267 -8.10 0.16 -24.96
C ALA A 267 -8.22 -1.20 -25.65
N ARG A 268 -7.58 -1.35 -26.81
CA ARG A 268 -7.76 -2.55 -27.63
C ARG A 268 -6.94 -3.75 -27.15
N LYS A 269 -6.13 -3.59 -26.09
CA LYS A 269 -5.60 -4.76 -25.40
C LYS A 269 -6.72 -5.57 -24.74
N PHE A 270 -7.83 -4.91 -24.37
CA PHE A 270 -8.88 -5.53 -23.58
C PHE A 270 -10.28 -5.48 -24.20
N PHE A 271 -10.57 -4.48 -25.05
CA PHE A 271 -11.93 -4.16 -25.49
C PHE A 271 -11.97 -3.99 -27.02
N GLU A 272 -13.19 -3.99 -27.57
CA GLU A 272 -13.44 -3.74 -28.98
C GLU A 272 -14.65 -2.82 -29.11
N LYS A 273 -14.67 -2.02 -30.16
CA LYS A 273 -15.63 -0.93 -30.29
C LYS A 273 -16.72 -1.24 -31.32
N ASP A 276 -22.62 0.87 -33.25
CA ASP A 276 -23.20 1.42 -32.03
C ASP A 276 -22.34 2.58 -31.52
N GLY A 277 -21.03 2.44 -31.68
CA GLY A 277 -20.09 3.29 -30.99
C GLY A 277 -19.77 2.83 -29.57
N THR A 278 -20.48 1.83 -29.07
CA THR A 278 -20.26 1.35 -27.72
C THR A 278 -19.12 0.35 -27.71
N TRP A 279 -18.57 0.12 -26.52
CA TRP A 279 -17.43 -0.76 -26.34
C TRP A 279 -17.86 -2.03 -25.63
N ASN A 280 -17.23 -3.16 -25.99
CA ASN A 280 -17.44 -4.43 -25.28
C ASN A 280 -16.09 -5.13 -25.07
N LEU A 281 -16.08 -6.17 -24.23
CA LEU A 281 -14.87 -6.96 -24.04
C LEU A 281 -14.52 -7.79 -25.28
N LYS A 282 -13.22 -7.94 -25.52
CA LYS A 282 -12.71 -8.97 -26.40
C LYS A 282 -12.96 -10.35 -25.79
N LYS A 283 -13.24 -11.32 -26.66
CA LYS A 283 -13.57 -12.68 -26.23
C LYS A 283 -12.43 -13.31 -25.44
N TYR A 291 -15.61 -15.62 -17.97
CA TYR A 291 -15.88 -14.68 -16.89
C TYR A 291 -17.38 -14.46 -16.71
N LYS A 292 -17.77 -14.01 -15.51
CA LYS A 292 -19.15 -13.58 -15.28
C LYS A 292 -19.44 -12.34 -16.13
N PRO A 293 -20.68 -12.19 -16.61
CA PRO A 293 -20.98 -11.03 -17.48
C PRO A 293 -20.68 -9.72 -16.77
N PRO A 294 -20.36 -8.66 -17.53
CA PRO A 294 -19.92 -7.40 -16.89
C PRO A 294 -20.89 -6.87 -15.84
N GLY A 295 -20.33 -6.52 -14.68
CA GLY A 295 -21.09 -5.97 -13.57
C GLY A 295 -21.97 -6.92 -12.78
N THR A 296 -21.93 -8.23 -13.05
CA THR A 296 -22.82 -9.18 -12.37
C THR A 296 -22.20 -9.80 -11.12
N ARG A 297 -20.89 -9.60 -10.86
CA ARG A 297 -20.29 -10.04 -9.60
C ARG A 297 -20.37 -8.86 -8.62
N LYS A 298 -21.49 -8.75 -7.90
CA LYS A 298 -21.81 -7.52 -7.17
C LYS A 298 -20.99 -7.38 -5.89
N LEU A 299 -20.44 -6.18 -5.67
CA LEU A 299 -19.79 -5.89 -4.40
C LEU A 299 -20.76 -6.12 -3.22
N HIS A 300 -22.05 -5.86 -3.43
CA HIS A 300 -23.07 -6.09 -2.41
C HIS A 300 -23.03 -7.52 -1.89
N ASN A 301 -22.73 -8.48 -2.77
CA ASN A 301 -22.65 -9.89 -2.39
C ASN A 301 -21.26 -10.33 -1.92
N ILE A 302 -20.20 -9.77 -2.47
CA ILE A 302 -18.84 -10.00 -1.95
C ILE A 302 -18.76 -9.61 -0.48
N LEU A 303 -19.36 -8.47 -0.12
CA LEU A 303 -19.35 -8.03 1.26
C LEU A 303 -20.41 -8.72 2.13
N GLY A 304 -21.42 -9.35 1.54
CA GLY A 304 -22.51 -9.97 2.28
C GLY A 304 -23.39 -8.96 3.00
N VAL A 305 -23.70 -7.83 2.35
CA VAL A 305 -24.44 -6.73 2.99
C VAL A 305 -25.68 -7.21 3.72
N GLU A 306 -26.50 -8.05 3.05
CA GLU A 306 -27.77 -8.48 3.62
C GLU A 306 -27.74 -9.93 4.13
N THR A 307 -26.59 -10.61 4.04
CA THR A 307 -26.51 -12.04 4.29
C THR A 307 -25.47 -12.41 5.35
N GLY A 308 -25.21 -11.52 6.31
CA GLY A 308 -24.31 -11.84 7.41
C GLY A 308 -22.83 -11.60 7.16
N GLY A 309 -22.45 -10.71 6.23
CA GLY A 309 -21.05 -10.43 5.98
C GLY A 309 -20.35 -11.53 5.20
N PRO A 310 -19.03 -11.43 5.07
CA PRO A 310 -18.28 -12.42 4.27
C PRO A 310 -18.44 -13.83 4.82
N GLY A 311 -18.86 -14.74 3.94
CA GLY A 311 -19.08 -16.13 4.30
C GLY A 311 -20.24 -16.34 5.24
N GLY A 312 -21.07 -15.31 5.47
CA GLY A 312 -22.10 -15.36 6.48
C GLY A 312 -21.58 -15.39 7.91
N ARG A 313 -20.27 -15.15 8.12
CA ARG A 313 -19.67 -15.40 9.42
C ARG A 313 -19.93 -14.29 10.42
N ARG A 314 -20.44 -13.15 9.98
CA ARG A 314 -20.71 -12.03 10.88
C ARG A 314 -22.17 -11.99 11.33
N ALA A 315 -22.98 -12.97 10.93
CA ALA A 315 -24.36 -13.06 11.38
C ALA A 315 -24.41 -13.27 12.90
N GLY A 316 -25.17 -12.43 13.58
CA GLY A 316 -25.29 -12.51 15.02
C GLY A 316 -24.17 -11.86 15.79
N GLU A 317 -23.21 -11.24 15.11
CA GLU A 317 -22.20 -10.41 15.77
C GLU A 317 -22.70 -8.98 15.80
N SER A 318 -22.34 -8.28 16.88
CA SER A 318 -22.51 -6.83 16.91
C SER A 318 -21.49 -6.17 15.99
N GLY A 319 -21.74 -4.90 15.66
CA GLY A 319 -20.83 -4.13 14.81
C GLY A 319 -20.87 -4.43 13.33
N HIS A 320 -21.96 -5.03 12.83
CA HIS A 320 -22.04 -5.51 11.44
C HIS A 320 -23.49 -5.46 10.93
N THR A 321 -24.18 -4.32 11.11
CA THR A 321 -25.58 -4.23 10.67
C THR A 321 -25.68 -3.95 9.16
N VAL A 322 -26.86 -4.17 8.60
CA VAL A 322 -27.11 -3.81 7.19
C VAL A 322 -26.77 -2.35 6.93
N ALA A 323 -27.24 -1.44 7.79
CA ALA A 323 -26.98 -0.02 7.60
C ALA A 323 -25.48 0.28 7.60
N ASP A 324 -24.72 -0.35 8.51
CA ASP A 324 -23.26 -0.21 8.54
C ASP A 324 -22.62 -0.65 7.22
N TYR A 325 -23.03 -1.82 6.72
CA TYR A 325 -22.49 -2.35 5.48
C TYR A 325 -22.84 -1.48 4.26
N LEU A 326 -24.04 -0.87 4.27
CA LEU A 326 -24.40 0.00 3.15
C LEU A 326 -23.51 1.26 3.08
N LYS A 327 -23.12 1.79 4.25
CA LYS A 327 -22.21 2.93 4.29
C LYS A 327 -20.81 2.53 3.80
N PHE A 328 -20.29 1.37 4.25
CA PHE A 328 -18.99 0.88 3.78
C PHE A 328 -19.01 0.66 2.27
N LYS A 329 -20.05 -0.02 1.75
CA LYS A 329 -20.17 -0.25 0.32
C LYS A 329 -20.14 1.06 -0.46
N ASP A 330 -20.88 2.08 0.04
CA ASP A 330 -20.96 3.37 -0.65
C ASP A 330 -19.57 4.02 -0.76
N LEU A 331 -18.81 4.02 0.34
CA LEU A 331 -17.48 4.61 0.32
C LEU A 331 -16.56 3.86 -0.65
N ILE A 332 -16.57 2.53 -0.57
CA ILE A 332 -15.70 1.74 -1.44
C ILE A 332 -16.00 2.00 -2.93
N LEU A 333 -17.28 2.08 -3.30
CA LEU A 333 -17.64 2.33 -4.70
C LEU A 333 -17.15 3.71 -5.17
N ARG A 334 -17.08 4.71 -4.28
CA ARG A 334 -16.49 6.01 -4.61
C ARG A 334 -14.98 5.95 -4.80
N MET A 335 -14.29 5.10 -4.03
CA MET A 335 -12.84 4.85 -4.21
C MET A 335 -12.54 4.09 -5.50
N LEU A 336 -13.51 3.31 -5.99
CA LEU A 336 -13.35 2.48 -7.20
C LEU A 336 -14.05 3.09 -8.42
N ASP A 337 -14.29 4.40 -8.40
CA ASP A 337 -14.77 5.11 -9.60
C ASP A 337 -13.75 4.93 -10.72
N TYR A 338 -14.22 4.54 -11.93
CA TYR A 338 -13.31 4.44 -13.09
C TYR A 338 -12.70 5.78 -13.47
N ASP A 339 -13.39 6.91 -13.25
CA ASP A 339 -12.93 8.23 -13.70
C ASP A 339 -12.05 8.85 -12.62
N PRO A 340 -10.74 9.03 -12.84
CA PRO A 340 -9.88 9.60 -11.80
C PRO A 340 -10.21 11.06 -11.45
N LYS A 341 -10.99 11.77 -12.27
CA LYS A 341 -11.38 13.14 -11.93
C LYS A 341 -12.51 13.20 -10.91
N THR A 342 -13.36 12.17 -10.85
CA THR A 342 -14.50 12.16 -9.93
C THR A 342 -14.32 11.17 -8.77
N ARG A 343 -13.35 10.27 -8.82
CA ARG A 343 -13.03 9.40 -7.69
C ARG A 343 -12.87 10.22 -6.42
N ILE A 344 -13.35 9.68 -5.29
CA ILE A 344 -13.35 10.47 -4.04
C ILE A 344 -11.91 10.82 -3.66
N GLN A 345 -11.74 12.03 -3.13
CA GLN A 345 -10.44 12.51 -2.68
C GLN A 345 -10.32 12.44 -1.17
N PRO A 346 -9.10 12.46 -0.61
CA PRO A 346 -8.95 12.22 0.84
C PRO A 346 -9.78 13.10 1.76
N TYR A 347 -9.86 14.41 1.48
CA TYR A 347 -10.65 15.30 2.36
C TYR A 347 -12.10 14.82 2.48
N TYR A 348 -12.73 14.50 1.35
CA TYR A 348 -14.13 14.11 1.37
C TYR A 348 -14.31 12.67 1.87
N ALA A 349 -13.35 11.78 1.63
CA ALA A 349 -13.44 10.45 2.23
C ALA A 349 -13.51 10.53 3.75
N LEU A 350 -12.74 11.44 4.36
CA LEU A 350 -12.72 11.61 5.80
C LEU A 350 -14.04 12.16 6.35
N GLN A 351 -14.81 12.90 5.53
CA GLN A 351 -16.10 13.41 5.97
C GLN A 351 -17.24 12.40 5.84
N HIS A 352 -17.03 11.31 5.09
CA HIS A 352 -18.09 10.35 4.80
C HIS A 352 -18.67 9.75 6.09
N SER A 353 -19.98 9.46 6.07
CA SER A 353 -20.70 8.95 7.24
C SER A 353 -20.25 7.55 7.71
N PHE A 354 -19.46 6.81 6.91
CA PHE A 354 -18.83 5.57 7.42
C PHE A 354 -17.99 5.87 8.66
N PHE A 355 -17.38 7.06 8.73
CA PHE A 355 -16.52 7.40 9.86
C PHE A 355 -17.32 8.01 11.01
N LYS A 356 -16.77 7.85 12.21
CA LYS A 356 -17.44 8.36 13.39
C LYS A 356 -17.30 9.87 13.46
N LYS A 357 -18.29 10.53 14.08
CA LYS A 357 -18.22 11.99 14.17
C LYS A 357 -17.00 12.43 14.96
S SO4 B . 27.07 -2.42 -9.69
O1 SO4 B . 27.59 -3.78 -9.87
O2 SO4 B . 25.92 -2.20 -10.55
O3 SO4 B . 26.70 -2.18 -8.29
O4 SO4 B . 28.09 -1.46 -10.08
S SO4 C . 25.66 -8.73 -13.23
O1 SO4 C . 26.55 -8.16 -14.25
O2 SO4 C . 24.40 -9.19 -13.87
O3 SO4 C . 26.34 -9.86 -12.61
O4 SO4 C . 25.28 -7.69 -12.26
S SO4 D . 2.46 -7.25 -14.59
O1 SO4 D . 2.78 -6.77 -15.95
O2 SO4 D . 1.02 -7.24 -14.45
O3 SO4 D . 3.02 -8.61 -14.45
O4 SO4 D . 3.12 -6.36 -13.65
S SO4 E . -7.16 0.29 19.78
O1 SO4 E . -7.94 0.79 18.65
O2 SO4 E . -7.63 -1.05 20.14
O3 SO4 E . -5.73 0.19 19.52
O4 SO4 E . -7.40 1.17 20.93
S SO4 F . 19.81 12.64 15.00
O1 SO4 F . 20.52 11.99 13.92
O2 SO4 F . 18.80 11.74 15.56
O3 SO4 F . 20.76 13.02 16.04
O4 SO4 F . 19.15 13.85 14.49
S SO4 G . 0.10 -9.32 -19.73
O1 SO4 G . 0.83 -10.55 -20.06
O2 SO4 G . -1.33 -9.53 -19.98
O3 SO4 G . 0.61 -8.24 -20.58
O4 SO4 G . 0.35 -8.99 -18.33
C1 KRQ H . 10.19 -2.37 10.45
C2 KRQ H . 10.38 -0.22 11.16
C3 KRQ H . 10.52 0.22 9.85
C4 KRQ H . 10.44 -0.74 8.86
C5 KRQ H . 10.50 -0.36 7.43
C6 KRQ H . 10.79 0.92 6.94
C7 KRQ H . 10.34 -1.15 6.28
N1 KRQ H . 10.20 -1.51 11.48
N2 KRQ H . 10.82 0.99 5.62
N3 KRQ H . 10.52 -0.27 5.26
N4 KRQ H . 10.41 -0.62 3.95
C8 KRQ H . 9.98 -2.49 5.99
N KRQ H . 10.02 -3.66 10.74
C KRQ H . 9.98 -4.71 9.76
C10 KRQ H . 10.10 -1.91 3.71
C9 KRQ H . 9.87 -2.88 4.69
N5 KRQ H . 10.30 -2.05 9.14
H4 KRQ H . 10.41 0.46 12.00
H5 KRQ H . 10.68 1.28 9.63
H6 KRQ H . 10.99 1.82 7.52
H7 KRQ H . 9.81 -3.17 6.83
H3 KRQ H . 9.90 -3.92 11.71
H KRQ H . 10.87 -4.74 9.15
H1 KRQ H . 9.13 -4.60 9.07
H2 KRQ H . 9.87 -5.68 10.25
H9 KRQ H . 10.03 -2.12 2.64
H8 KRQ H . 9.62 -3.91 4.41
C1 EDO I . -13.79 14.85 -4.59
O1 EDO I . -14.03 13.94 -3.50
C2 EDO I . -13.84 14.13 -5.94
O2 EDO I . -15.16 13.58 -6.12
H11 EDO I . -14.55 15.64 -4.57
H12 EDO I . -12.82 15.32 -4.47
HO1 EDO I . -13.99 14.43 -2.66
H21 EDO I . -13.62 14.84 -6.75
H22 EDO I . -13.10 13.33 -5.97
HO2 EDO I . -15.21 13.13 -6.97
#